data_7BHU
#
_entry.id   7BHU
#
_cell.length_a   68.240
_cell.length_b   94.171
_cell.length_c   117.306
_cell.angle_alpha   90.000
_cell.angle_beta   90.000
_cell.angle_gamma   90.000
#
_symmetry.space_group_name_H-M   'I 2 2 2'
#
loop_
_entity.id
_entity.type
_entity.pdbx_description
1 polymer 'S-adenosylmethionine synthase isoform type-2'
2 non-polymer 7-chloranyl-4-(dimethylamino)-1-(2-hydroxyethyl)quinazolin-2-one
3 non-polymer S-ADENOSYLMETHIONINE
4 non-polymer 1,2-ETHANEDIOL
5 water water
#
_entity_poly.entity_id   1
_entity_poly.type   'polypeptide(L)'
_entity_poly.pdbx_seq_one_letter_code
;QSMNGQLNGFHEAFIEEGTFLFTSESVGEGHPDKICDQISDAVLDAHLQQDPDAKVACETVAKTGMILLAGEITSRAAVD
YQKVVREAVKHIGYDDSSKGFDYKTCNVLVALEQQSPDIAQGVHLDRNEEDIGAGDQGLMFGYATDETEECMPLTIVLAH
KLNAKLAELRRNGTLPWLRPDSKTQVTVQYMQDRGAVLPIRVHTIVISVQHDEEVCLDEMRDALKEKVIKAVVPAKYLDE
DTIYHLQPSGRFVIGGPQGDAGLTGRKIIVDTYGGWGAHGGGAFSGKDYTKVDRSAAYAARWVAKSLVKGGLCRRVLVQV
SYAIGVSHPLSISIFHYGTSQKSERELLEIVKKNFDLRPGVIVRDLDLKKPIYQRTAAYGHFGRDSFPWEVPKKLKY
;
_entity_poly.pdbx_strand_id   A
#
# COMPACT_ATOMS: atom_id res chain seq x y z
N GLY A 18 9.30 -13.15 -27.08
CA GLY A 18 9.49 -13.00 -25.66
C GLY A 18 8.80 -11.79 -25.06
N THR A 19 8.21 -10.91 -25.90
CA THR A 19 7.57 -9.73 -25.29
C THR A 19 6.19 -10.06 -24.78
N PHE A 20 5.77 -9.31 -23.78
CA PHE A 20 4.44 -9.46 -23.22
C PHE A 20 4.00 -8.15 -22.60
N LEU A 21 2.72 -8.04 -22.31
CA LEU A 21 2.17 -6.86 -21.65
C LEU A 21 1.89 -7.17 -20.20
N PHE A 22 1.92 -6.15 -19.35
CA PHE A 22 1.47 -6.32 -17.96
C PHE A 22 0.90 -5.00 -17.52
N THR A 23 -0.19 -5.06 -16.74
CA THR A 23 -0.87 -3.85 -16.31
C THR A 23 -0.96 -3.78 -14.80
N SER A 24 -0.76 -2.59 -14.26
CA SER A 24 -1.01 -2.30 -12.84
C SER A 24 -1.77 -1.00 -12.70
N GLU A 25 -2.46 -0.84 -11.56
CA GLU A 25 -3.15 0.41 -11.26
C GLU A 25 -2.71 1.02 -9.96
N SER A 26 -3.09 2.29 -9.79
CA SER A 26 -2.93 2.97 -8.51
C SER A 26 -4.12 3.91 -8.35
N VAL A 27 -4.30 4.42 -7.13
CA VAL A 27 -5.38 5.39 -6.89
C VAL A 27 -4.83 6.54 -6.06
N GLY A 28 -5.55 7.65 -6.12
CA GLY A 28 -5.15 8.83 -5.36
C GLY A 28 -5.61 8.83 -3.91
N GLU A 29 -5.12 9.84 -3.19
CA GLU A 29 -5.42 10.00 -1.78
C GLU A 29 -6.91 10.16 -1.51
N GLY A 30 -7.65 10.72 -2.44
CA GLY A 30 -9.08 10.92 -2.29
C GLY A 30 -9.96 9.84 -2.84
N HIS A 31 -9.35 8.75 -3.37
CA HIS A 31 -10.15 7.61 -3.77
C HIS A 31 -10.82 7.08 -2.47
N PRO A 32 -12.13 6.77 -2.49
CA PRO A 32 -12.81 6.48 -1.21
C PRO A 32 -12.25 5.31 -0.40
N ASP A 33 -11.77 4.25 -1.07
CA ASP A 33 -11.13 3.15 -0.32
C ASP A 33 -9.85 3.65 0.33
N LYS A 34 -9.06 4.43 -0.43
CA LYS A 34 -7.83 4.98 0.12
C LYS A 34 -8.07 5.98 1.26
N ILE A 35 -9.17 6.73 1.20
CA ILE A 35 -9.51 7.60 2.33
C ILE A 35 -9.62 6.74 3.60
N CYS A 36 -10.33 5.59 3.47
CA CYS A 36 -10.52 4.71 4.61
C CYS A 36 -9.18 4.17 5.13
N ASP A 37 -8.28 3.76 4.24
CA ASP A 37 -6.99 3.27 4.71
C ASP A 37 -6.24 4.36 5.47
N GLN A 38 -6.25 5.61 4.95
CA GLN A 38 -5.54 6.69 5.61
C GLN A 38 -6.15 7.03 6.96
N ILE A 39 -7.50 7.02 7.06
CA ILE A 39 -8.13 7.30 8.34
C ILE A 39 -7.81 6.16 9.34
N SER A 40 -7.91 4.90 8.91
CA SER A 40 -7.59 3.78 9.80
C SER A 40 -6.18 3.91 10.34
N ASP A 41 -5.23 4.32 9.49
CA ASP A 41 -3.86 4.48 9.93
C ASP A 41 -3.63 5.76 10.75
N ALA A 42 -4.45 6.81 10.51
CA ALA A 42 -4.39 7.99 11.38
C ALA A 42 -4.83 7.61 12.80
N VAL A 43 -5.84 6.75 12.90
CA VAL A 43 -6.33 6.27 14.19
C VAL A 43 -5.25 5.41 14.87
N LEU A 44 -4.64 4.50 14.11
CA LEU A 44 -3.56 3.69 14.65
C LEU A 44 -2.42 4.58 15.16
N ASP A 45 -1.98 5.55 14.34
CA ASP A 45 -0.90 6.42 14.77
C ASP A 45 -1.26 7.21 16.02
N ALA A 46 -2.49 7.70 16.09
CA ALA A 46 -2.91 8.47 17.26
C ALA A 46 -2.80 7.62 18.53
N HIS A 47 -3.20 6.36 18.44
CA HIS A 47 -3.04 5.48 19.60
C HIS A 47 -1.58 5.22 19.92
N LEU A 48 -0.76 4.92 18.90
CA LEU A 48 0.66 4.60 19.14
C LEU A 48 1.46 5.77 19.68
N GLN A 49 1.04 7.01 19.38
CA GLN A 49 1.72 8.19 19.92
C GLN A 49 1.64 8.21 21.45
N GLN A 50 0.59 7.64 22.04
CA GLN A 50 0.39 7.62 23.49
C GLN A 50 0.67 6.27 24.11
N ASP A 51 0.39 5.18 23.39
CA ASP A 51 0.53 3.82 23.92
C ASP A 51 1.18 2.98 22.84
N PRO A 52 2.52 2.78 22.93
CA PRO A 52 3.20 1.99 21.88
C PRO A 52 2.71 0.56 21.77
N ASP A 53 2.07 0.04 22.83
CA ASP A 53 1.53 -1.31 22.84
C ASP A 53 0.03 -1.39 22.58
N ALA A 54 -0.57 -0.33 22.03
CA ALA A 54 -1.99 -0.38 21.70
C ALA A 54 -2.30 -1.56 20.76
N LYS A 55 -3.45 -2.20 20.99
CA LYS A 55 -3.97 -3.27 20.15
C LYS A 55 -5.06 -2.63 19.33
N VAL A 56 -4.84 -2.52 18.02
CA VAL A 56 -5.72 -1.76 17.14
C VAL A 56 -6.10 -2.57 15.94
N ALA A 57 -7.41 -2.58 15.64
CA ALA A 57 -7.97 -3.24 14.46
C ALA A 57 -9.13 -2.35 14.01
N CYS A 58 -8.79 -1.22 13.40
CA CYS A 58 -9.73 -0.15 13.04
C CYS A 58 -10.12 -0.21 11.61
N GLU A 59 -11.37 -0.54 11.32
CA GLU A 59 -11.90 -0.49 9.95
C GLU A 59 -12.64 0.83 9.77
N THR A 60 -12.55 1.40 8.59
CA THR A 60 -13.24 2.63 8.25
C THR A 60 -14.13 2.37 7.05
N VAL A 61 -15.32 2.97 7.05
CA VAL A 61 -16.27 2.94 5.94
C VAL A 61 -16.59 4.39 5.60
N ALA A 62 -16.61 4.70 4.31
CA ALA A 62 -16.94 6.05 3.84
C ALA A 62 -18.02 6.02 2.80
N LYS A 63 -19.07 6.84 2.99
CA LYS A 63 -20.12 6.99 1.98
C LYS A 63 -20.51 8.46 2.06
N THR A 64 -21.40 8.92 1.21
CA THR A 64 -21.81 10.34 1.21
C THR A 64 -22.01 10.83 2.63
N GLY A 65 -21.25 11.85 3.00
CA GLY A 65 -21.37 12.53 4.28
C GLY A 65 -21.00 11.74 5.51
N MET A 66 -20.41 10.54 5.37
CA MET A 66 -20.18 9.68 6.52
C MET A 66 -18.83 9.02 6.54
N ILE A 67 -18.20 9.06 7.73
CA ILE A 67 -17.08 8.22 8.07
C ILE A 67 -17.56 7.40 9.28
N LEU A 68 -17.54 6.08 9.16
CA LEU A 68 -17.84 5.19 10.27
C LEU A 68 -16.55 4.43 10.65
N LEU A 69 -16.21 4.40 11.92
CA LEU A 69 -15.12 3.59 12.44
C LEU A 69 -15.73 2.36 13.10
N ALA A 70 -15.30 1.19 12.74
CA ALA A 70 -15.80 -0.05 13.30
C ALA A 70 -14.62 -0.97 13.58
N GLY A 71 -14.60 -1.60 14.72
CA GLY A 71 -13.50 -2.50 15.04
C GLY A 71 -13.22 -2.56 16.50
N GLU A 72 -11.97 -2.94 16.80
CA GLU A 72 -11.57 -3.30 18.15
C GLU A 72 -10.27 -2.65 18.51
N ILE A 73 -10.27 -1.91 19.60
CA ILE A 73 -9.09 -1.22 20.11
C ILE A 73 -9.03 -1.39 21.61
N THR A 74 -7.88 -1.86 22.11
CA THR A 74 -7.58 -1.86 23.53
C THR A 74 -6.27 -1.09 23.70
N SER A 75 -6.37 0.04 24.40
CA SER A 75 -5.27 0.96 24.47
C SER A 75 -5.41 1.83 25.68
N ARG A 76 -4.28 2.34 26.17
CA ARG A 76 -4.25 3.27 27.29
C ARG A 76 -4.35 4.73 26.77
N ALA A 77 -4.37 4.93 25.44
CA ALA A 77 -4.44 6.26 24.86
C ALA A 77 -5.83 6.87 25.05
N ALA A 78 -5.89 8.20 25.07
CA ALA A 78 -7.17 8.93 25.05
C ALA A 78 -7.17 9.64 23.66
N VAL A 79 -7.94 9.10 22.72
CA VAL A 79 -7.96 9.60 21.34
C VAL A 79 -9.28 10.26 21.01
N ASP A 80 -9.22 11.46 20.44
CA ASP A 80 -10.42 12.18 20.05
C ASP A 80 -10.66 11.77 18.60
N TYR A 81 -11.54 10.78 18.40
CA TYR A 81 -11.82 10.27 17.06
C TYR A 81 -12.36 11.30 16.11
N GLN A 82 -13.22 12.19 16.58
CA GLN A 82 -13.77 13.23 15.73
C GLN A 82 -12.64 14.06 15.15
N LYS A 83 -11.71 14.51 16.00
CA LYS A 83 -10.62 15.35 15.55
C LYS A 83 -9.67 14.59 14.61
N VAL A 84 -9.32 13.36 14.96
CA VAL A 84 -8.37 12.60 14.15
C VAL A 84 -8.94 12.32 12.76
N VAL A 85 -10.20 11.91 12.68
CA VAL A 85 -10.82 11.64 11.39
C VAL A 85 -10.89 12.92 10.56
N ARG A 86 -11.37 14.02 11.16
CA ARG A 86 -11.56 15.23 10.38
C ARG A 86 -10.25 15.80 9.90
N GLU A 87 -9.19 15.71 10.69
CA GLU A 87 -7.89 16.19 10.25
C GLU A 87 -7.38 15.34 9.06
N ALA A 88 -7.61 14.02 9.07
CA ALA A 88 -7.14 13.20 7.96
C ALA A 88 -7.88 13.58 6.67
N VAL A 89 -9.19 13.81 6.75
CA VAL A 89 -9.99 14.21 5.60
C VAL A 89 -9.55 15.59 5.08
N LYS A 90 -9.27 16.52 6.01
CA LYS A 90 -8.77 17.84 5.61
C LYS A 90 -7.47 17.71 4.81
N HIS A 91 -6.55 16.87 5.28
CA HIS A 91 -5.25 16.68 4.61
C HIS A 91 -5.43 16.17 3.20
N ILE A 92 -6.38 15.28 3.01
CA ILE A 92 -6.70 14.70 1.71
C ILE A 92 -7.19 15.77 0.74
N GLY A 93 -7.93 16.74 1.26
CA GLY A 93 -8.41 17.86 0.47
C GLY A 93 -9.91 17.97 0.31
N TYR A 94 -10.70 17.16 1.07
CA TYR A 94 -12.17 17.27 1.00
C TYR A 94 -12.62 18.26 2.03
N ASP A 95 -12.76 19.50 1.61
CA ASP A 95 -13.00 20.62 2.50
C ASP A 95 -14.15 21.52 2.09
N ASP A 96 -15.06 21.05 1.24
CA ASP A 96 -16.19 21.87 0.83
C ASP A 96 -17.23 21.02 0.17
N SER A 97 -18.49 21.35 0.44
CA SER A 97 -19.58 20.57 -0.15
C SER A 97 -19.55 20.59 -1.69
N SER A 98 -18.94 21.62 -2.31
CA SER A 98 -18.82 21.64 -3.78
C SER A 98 -17.97 20.49 -4.31
N LYS A 99 -17.05 19.94 -3.46
CA LYS A 99 -16.17 18.84 -3.83
C LYS A 99 -16.81 17.49 -3.53
N GLY A 100 -17.99 17.50 -2.92
CA GLY A 100 -18.75 16.28 -2.61
C GLY A 100 -18.53 15.76 -1.21
N PHE A 101 -17.62 16.36 -0.43
CA PHE A 101 -17.30 15.88 0.93
C PHE A 101 -16.56 16.99 1.64
N ASP A 102 -16.86 17.17 2.92
CA ASP A 102 -16.25 18.20 3.71
C ASP A 102 -15.93 17.73 5.10
N TYR A 103 -14.64 17.77 5.49
CA TYR A 103 -14.22 17.35 6.83
C TYR A 103 -14.91 18.15 7.92
N LYS A 104 -15.28 19.40 7.64
CA LYS A 104 -15.85 20.21 8.71
C LYS A 104 -17.25 19.78 9.09
N THR A 105 -18.00 19.21 8.13
CA THR A 105 -19.44 19.01 8.30
C THR A 105 -19.91 17.59 8.10
N CYS A 106 -19.02 16.63 7.82
CA CYS A 106 -19.44 15.26 7.61
C CYS A 106 -19.80 14.65 8.97
N ASN A 107 -20.53 13.53 8.91
CA ASN A 107 -20.88 12.71 10.06
C ASN A 107 -19.70 11.78 10.35
N VAL A 108 -19.28 11.72 11.60
CA VAL A 108 -18.28 10.75 12.06
C VAL A 108 -19.00 9.91 13.12
N LEU A 109 -19.14 8.61 12.83
CA LEU A 109 -19.82 7.64 13.71
C LEU A 109 -18.77 6.67 14.22
N VAL A 110 -18.86 6.25 15.48
CA VAL A 110 -17.86 5.37 16.06
C VAL A 110 -18.53 4.12 16.66
N ALA A 111 -18.11 2.94 16.21
CA ALA A 111 -18.57 1.64 16.71
C ALA A 111 -17.35 0.82 17.06
N LEU A 112 -16.60 1.28 18.05
CA LEU A 112 -15.34 0.66 18.48
C LEU A 112 -15.50 0.04 19.83
N GLU A 113 -15.09 -1.20 19.94
CA GLU A 113 -15.13 -1.93 21.18
C GLU A 113 -13.74 -2.38 21.56
N GLN A 114 -13.58 -2.95 22.72
CA GLN A 114 -12.27 -3.50 23.11
C GLN A 114 -11.95 -4.75 22.28
N GLN A 115 -10.66 -5.10 22.20
CA GLN A 115 -10.27 -6.36 21.59
C GLN A 115 -10.91 -7.49 22.38
N SER A 116 -11.39 -8.51 21.64
CA SER A 116 -11.94 -9.69 22.28
C SER A 116 -10.96 -10.22 23.33
N PRO A 117 -11.41 -10.48 24.59
CA PRO A 117 -10.51 -11.05 25.59
C PRO A 117 -10.06 -12.46 25.21
N ASP A 118 -10.86 -13.18 24.38
CA ASP A 118 -10.46 -14.51 23.92
C ASP A 118 -9.27 -14.43 22.99
N ILE A 119 -9.22 -13.42 22.13
CA ILE A 119 -8.05 -13.22 21.28
C ILE A 119 -6.87 -12.77 22.14
N ALA A 120 -7.11 -11.80 23.04
CA ALA A 120 -6.00 -11.30 23.83
C ALA A 120 -5.33 -12.40 24.63
N GLN A 121 -6.10 -13.27 25.30
CA GLN A 121 -5.48 -14.31 26.11
C GLN A 121 -4.70 -15.31 25.23
N GLY A 122 -5.14 -15.52 23.99
CA GLY A 122 -4.47 -16.50 23.13
C GLY A 122 -3.27 -15.96 22.40
N VAL A 123 -3.18 -14.63 22.28
CA VAL A 123 -2.13 -14.02 21.49
C VAL A 123 -1.01 -13.40 22.31
N HIS A 124 -1.37 -12.54 23.28
CA HIS A 124 -0.34 -11.73 23.91
C HIS A 124 -0.38 -11.62 25.42
N LEU A 125 -1.48 -11.92 26.05
CA LEU A 125 -1.50 -11.78 27.51
C LEU A 125 -0.52 -12.73 28.20
N ASP A 126 0.29 -12.18 29.11
CA ASP A 126 1.28 -12.94 29.88
C ASP A 126 2.29 -13.64 28.97
N ARG A 127 2.64 -13.02 27.85
CA ARG A 127 3.65 -13.55 26.97
C ARG A 127 4.82 -12.62 26.90
N ASN A 128 6.03 -13.19 26.87
CA ASN A 128 7.23 -12.43 26.64
C ASN A 128 7.11 -11.80 25.23
N GLU A 129 7.46 -10.52 25.07
CA GLU A 129 7.26 -9.87 23.77
C GLU A 129 7.85 -10.65 22.60
N GLU A 130 9.08 -11.11 22.72
CA GLU A 130 9.68 -11.83 21.61
C GLU A 130 8.91 -13.10 21.24
N ASP A 131 8.16 -13.65 22.22
CA ASP A 131 7.42 -14.89 22.10
C ASP A 131 5.91 -14.68 21.98
N ILE A 132 5.48 -13.43 21.64
CA ILE A 132 4.08 -13.18 21.41
C ILE A 132 3.59 -14.03 20.24
N GLY A 133 2.35 -14.46 20.32
CA GLY A 133 1.82 -15.25 19.22
C GLY A 133 1.41 -14.37 18.06
N ALA A 134 1.32 -14.94 16.86
CA ALA A 134 0.72 -14.22 15.74
C ALA A 134 -0.71 -13.83 16.15
N GLY A 135 -1.15 -12.65 15.73
CA GLY A 135 -2.48 -12.14 16.08
C GLY A 135 -3.61 -12.78 15.32
N ASP A 136 -3.27 -13.60 14.31
CA ASP A 136 -4.23 -14.35 13.53
C ASP A 136 -3.46 -15.41 12.76
N GLN A 137 -4.18 -16.36 12.16
CA GLN A 137 -3.56 -17.19 11.15
C GLN A 137 -3.44 -16.35 9.87
N GLY A 138 -2.79 -16.91 8.86
CA GLY A 138 -2.79 -16.31 7.53
C GLY A 138 -1.51 -16.53 6.80
N LEU A 139 -1.54 -16.10 5.54
CA LEU A 139 -0.37 -16.21 4.64
C LEU A 139 -0.07 -14.83 4.14
N MET A 140 1.20 -14.59 3.84
CA MET A 140 1.65 -13.26 3.40
C MET A 140 2.76 -13.45 2.40
N PHE A 141 2.88 -12.54 1.44
CA PHE A 141 3.96 -12.58 0.45
C PHE A 141 4.75 -11.31 0.41
N GLY A 142 6.02 -11.45 0.11
CA GLY A 142 6.90 -10.33 -0.21
C GLY A 142 7.45 -10.54 -1.61
N TYR A 143 7.74 -9.44 -2.32
CA TYR A 143 8.25 -9.53 -3.70
C TYR A 143 9.27 -8.41 -3.91
N ALA A 144 10.21 -8.67 -4.79
CA ALA A 144 11.16 -7.62 -5.20
C ALA A 144 11.62 -7.96 -6.59
N THR A 145 11.92 -6.92 -7.37
CA THR A 145 12.38 -7.05 -8.76
C THR A 145 13.43 -6.00 -9.04
N ASP A 146 14.50 -6.39 -9.71
CA ASP A 146 15.61 -5.46 -10.01
C ASP A 146 15.30 -4.53 -11.18
N GLU A 147 14.07 -4.53 -11.72
CA GLU A 147 13.75 -3.70 -12.88
C GLU A 147 13.77 -2.20 -12.56
N THR A 148 13.69 -1.80 -11.29
CA THR A 148 13.84 -0.40 -10.86
C THR A 148 14.81 -0.41 -9.67
N GLU A 149 15.44 0.74 -9.39
CA GLU A 149 16.38 0.83 -8.26
C GLU A 149 15.67 0.51 -6.93
N GLU A 150 14.43 0.96 -6.80
CA GLU A 150 13.65 0.72 -5.58
C GLU A 150 13.07 -0.70 -5.52
N CYS A 151 13.38 -1.55 -6.49
CA CYS A 151 13.02 -2.95 -6.50
C CYS A 151 11.54 -3.22 -6.57
N MET A 152 10.83 -2.36 -7.31
CA MET A 152 9.39 -2.48 -7.53
C MET A 152 9.10 -2.59 -9.02
N PRO A 153 7.94 -3.16 -9.37
CA PRO A 153 7.56 -3.22 -10.79
C PRO A 153 7.35 -1.82 -11.37
N LEU A 154 7.84 -1.60 -12.59
CA LEU A 154 7.68 -0.29 -13.19
C LEU A 154 6.22 0.07 -13.42
N THR A 155 5.37 -0.90 -13.75
CA THR A 155 3.96 -0.62 -13.98
C THR A 155 3.34 0.11 -12.79
N ILE A 156 3.56 -0.41 -11.57
CA ILE A 156 2.91 0.22 -10.41
C ILE A 156 3.65 1.47 -9.99
N VAL A 157 4.97 1.53 -10.13
CA VAL A 157 5.70 2.75 -9.78
C VAL A 157 5.16 3.92 -10.62
N LEU A 158 5.01 3.70 -11.93
CA LEU A 158 4.52 4.78 -12.77
C LEU A 158 3.08 5.12 -12.39
N ALA A 159 2.23 4.10 -12.13
CA ALA A 159 0.85 4.40 -11.79
C ALA A 159 0.77 5.25 -10.51
N HIS A 160 1.57 4.92 -9.48
CA HIS A 160 1.57 5.71 -8.26
C HIS A 160 2.05 7.13 -8.55
N LYS A 161 3.13 7.28 -9.34
CA LYS A 161 3.65 8.62 -9.59
C LYS A 161 2.65 9.50 -10.34
N LEU A 162 1.83 8.92 -11.22
CA LEU A 162 0.80 9.69 -11.92
C LEU A 162 -0.20 10.24 -10.90
N ASN A 163 -0.64 9.40 -9.91
CA ASN A 163 -1.55 9.95 -8.88
C ASN A 163 -0.90 11.00 -8.03
N ALA A 164 0.38 10.83 -7.68
CA ALA A 164 1.07 11.81 -6.87
C ALA A 164 1.19 13.13 -7.62
N LYS A 165 1.42 13.07 -8.92
CA LYS A 165 1.52 14.26 -9.76
C LYS A 165 0.19 15.02 -9.80
N LEU A 166 -0.93 14.30 -9.90
CA LEU A 166 -2.24 14.93 -9.85
C LEU A 166 -2.39 15.65 -8.53
N ALA A 167 -2.07 15.01 -7.42
CA ALA A 167 -2.23 15.67 -6.12
C ALA A 167 -1.33 16.89 -6.00
N GLU A 168 -0.11 16.84 -6.57
CA GLU A 168 0.82 17.94 -6.51
C GLU A 168 0.26 19.15 -7.28
N LEU A 169 -0.31 18.92 -8.47
CA LEU A 169 -0.82 19.99 -9.32
C LEU A 169 -2.12 20.54 -8.79
N ARG A 170 -2.87 19.70 -8.05
CA ARG A 170 -4.07 20.18 -7.38
C ARG A 170 -3.65 21.09 -6.22
N ARG A 171 -2.72 20.65 -5.40
CA ARG A 171 -2.31 21.40 -4.22
C ARG A 171 -1.56 22.68 -4.55
N ASN A 172 -0.82 22.74 -5.66
CA ASN A 172 -0.08 23.96 -5.97
C ASN A 172 -0.90 24.92 -6.83
N GLY A 173 -2.15 24.56 -7.13
CA GLY A 173 -3.05 25.44 -7.89
C GLY A 173 -2.79 25.53 -9.37
N THR A 174 -1.90 24.68 -9.93
CA THR A 174 -1.61 24.60 -11.38
C THR A 174 -2.90 24.19 -12.13
N LEU A 175 -3.60 23.16 -11.61
CA LEU A 175 -4.82 22.64 -12.23
C LEU A 175 -5.91 22.71 -11.18
N PRO A 176 -6.50 23.91 -11.00
CA PRO A 176 -7.43 24.10 -9.87
C PRO A 176 -8.76 23.40 -10.01
N TRP A 177 -9.04 22.86 -11.18
CA TRP A 177 -10.24 22.06 -11.44
C TRP A 177 -10.12 20.62 -10.93
N LEU A 178 -8.92 20.17 -10.51
CA LEU A 178 -8.74 18.82 -10.00
C LEU A 178 -9.34 18.68 -8.64
N ARG A 179 -9.87 17.50 -8.37
CA ARG A 179 -10.40 17.15 -7.09
CA ARG A 179 -10.40 17.11 -7.07
C ARG A 179 -9.59 15.92 -6.58
N PRO A 180 -9.74 15.50 -5.29
CA PRO A 180 -8.84 14.47 -4.75
C PRO A 180 -8.96 13.02 -5.24
N ASP A 181 -10.12 12.63 -5.76
CA ASP A 181 -10.37 11.26 -6.16
C ASP A 181 -9.79 10.99 -7.55
N SER A 182 -8.88 10.01 -7.67
CA SER A 182 -8.28 9.69 -8.98
C SER A 182 -7.89 8.23 -9.03
N LYS A 183 -7.77 7.73 -10.26
CA LYS A 183 -7.28 6.38 -10.54
C LYS A 183 -6.42 6.48 -11.76
N THR A 184 -5.39 5.61 -11.77
CA THR A 184 -4.49 5.53 -12.95
C THR A 184 -4.21 4.08 -13.23
N GLN A 185 -3.75 3.79 -14.45
CA GLN A 185 -3.45 2.41 -14.81
C GLN A 185 -2.44 2.46 -15.92
N VAL A 186 -1.38 1.66 -15.79
CA VAL A 186 -0.29 1.65 -16.76
C VAL A 186 -0.05 0.24 -17.25
N THR A 187 -0.01 0.07 -18.57
CA THR A 187 0.32 -1.18 -19.21
C THR A 187 1.70 -0.98 -19.83
N VAL A 188 2.66 -1.82 -19.45
CA VAL A 188 4.02 -1.79 -19.98
C VAL A 188 4.23 -3.04 -20.82
N GLN A 189 4.96 -2.86 -21.93
CA GLN A 189 5.44 -3.97 -22.73
C GLN A 189 6.83 -4.28 -22.24
N TYR A 190 7.04 -5.54 -21.89
CA TYR A 190 8.26 -6.06 -21.31
C TYR A 190 8.88 -7.08 -22.24
N MET A 191 10.17 -7.28 -22.06
CA MET A 191 10.92 -8.39 -22.61
C MET A 191 11.35 -9.21 -21.37
N GLN A 192 11.78 -10.43 -21.58
CA GLN A 192 12.21 -11.32 -20.50
CA GLN A 192 12.25 -11.24 -20.48
C GLN A 192 13.62 -11.78 -20.79
N ASP A 193 14.44 -11.93 -19.75
CA ASP A 193 15.82 -12.38 -19.87
C ASP A 193 16.08 -13.30 -18.68
N ARG A 194 16.00 -14.62 -18.94
CA ARG A 194 16.21 -15.71 -17.99
C ARG A 194 15.39 -15.52 -16.71
N GLY A 195 14.12 -15.25 -16.92
CA GLY A 195 13.21 -15.05 -15.81
C GLY A 195 13.09 -13.62 -15.32
N ALA A 196 14.08 -12.74 -15.57
CA ALA A 196 14.01 -11.33 -15.17
C ALA A 196 13.18 -10.58 -16.21
N VAL A 197 12.60 -9.44 -15.82
CA VAL A 197 11.76 -8.69 -16.74
C VAL A 197 12.37 -7.33 -17.03
N LEU A 198 12.29 -6.91 -18.30
CA LEU A 198 12.93 -5.70 -18.78
C LEU A 198 11.88 -4.81 -19.45
N PRO A 199 11.58 -3.64 -18.89
CA PRO A 199 10.56 -2.78 -19.54
C PRO A 199 11.08 -2.23 -20.86
N ILE A 200 10.24 -2.23 -21.88
CA ILE A 200 10.56 -1.70 -23.21
C ILE A 200 9.84 -0.36 -23.44
N ARG A 201 8.52 -0.32 -23.27
CA ARG A 201 7.72 0.88 -23.58
C ARG A 201 6.43 0.82 -22.85
N VAL A 202 5.78 1.95 -22.77
CA VAL A 202 4.45 2.06 -22.19
C VAL A 202 3.45 1.86 -23.32
N HIS A 203 2.60 0.86 -23.19
CA HIS A 203 1.63 0.51 -24.18
C HIS A 203 0.34 1.31 -24.04
N THR A 204 -0.18 1.44 -22.81
CA THR A 204 -1.45 2.12 -22.57
C THR A 204 -1.39 2.82 -21.24
N ILE A 205 -1.98 4.03 -21.14
CA ILE A 205 -2.16 4.71 -19.86
C ILE A 205 -3.61 5.11 -19.75
N VAL A 206 -4.19 4.88 -18.58
CA VAL A 206 -5.52 5.36 -18.20
C VAL A 206 -5.34 6.36 -17.06
N ILE A 207 -6.05 7.48 -17.13
CA ILE A 207 -6.19 8.38 -15.98
C ILE A 207 -7.62 8.81 -15.92
N SER A 208 -8.24 8.65 -14.73
CA SER A 208 -9.56 9.21 -14.44
C SER A 208 -9.43 10.03 -13.18
N VAL A 209 -9.88 11.29 -13.21
CA VAL A 209 -9.77 12.14 -12.03
C VAL A 209 -11.01 12.99 -11.87
N GLN A 210 -11.48 13.10 -10.64
CA GLN A 210 -12.62 13.96 -10.33
C GLN A 210 -12.29 15.41 -10.62
N HIS A 211 -13.29 16.15 -11.13
CA HIS A 211 -13.06 17.50 -11.58
C HIS A 211 -14.24 18.40 -11.32
N ASP A 212 -14.01 19.72 -11.42
CA ASP A 212 -15.08 20.67 -11.23
C ASP A 212 -16.02 20.72 -12.43
N GLU A 213 -17.17 21.36 -12.22
CA GLU A 213 -18.25 21.47 -13.20
C GLU A 213 -17.93 22.32 -14.40
N GLU A 214 -16.94 23.20 -14.29
CA GLU A 214 -16.66 24.18 -15.34
C GLU A 214 -15.68 23.75 -16.42
N VAL A 215 -14.67 22.94 -16.09
CA VAL A 215 -13.64 22.59 -17.05
C VAL A 215 -14.18 21.63 -18.13
N CYS A 216 -13.76 21.83 -19.38
CA CYS A 216 -14.23 20.95 -20.42
C CYS A 216 -13.29 19.77 -20.62
N LEU A 217 -13.82 18.74 -21.26
CA LEU A 217 -13.10 17.52 -21.50
C LEU A 217 -11.82 17.72 -22.27
N ASP A 218 -11.81 18.55 -23.32
CA ASP A 218 -10.57 18.75 -24.10
C ASP A 218 -9.46 19.41 -23.27
N GLU A 219 -9.84 20.38 -22.44
CA GLU A 219 -8.85 21.03 -21.58
C GLU A 219 -8.27 19.99 -20.63
N MET A 220 -9.11 19.14 -20.05
CA MET A 220 -8.60 18.15 -19.12
C MET A 220 -7.70 17.15 -19.83
N ARG A 221 -8.10 16.64 -21.00
CA ARG A 221 -7.28 15.64 -21.68
C ARG A 221 -5.95 16.20 -22.10
N ASP A 222 -5.93 17.46 -22.57
CA ASP A 222 -4.66 18.09 -22.94
C ASP A 222 -3.76 18.23 -21.69
N ALA A 223 -4.31 18.71 -20.58
CA ALA A 223 -3.51 18.87 -19.36
C ALA A 223 -3.00 17.53 -18.84
N LEU A 224 -3.85 16.50 -18.88
CA LEU A 224 -3.41 15.18 -18.38
C LEU A 224 -2.26 14.65 -19.20
N LYS A 225 -2.26 14.86 -20.51
CA LYS A 225 -1.15 14.39 -21.31
C LYS A 225 0.10 15.25 -21.06
N GLU A 226 -0.04 16.56 -21.17
CA GLU A 226 1.12 17.45 -21.16
C GLU A 226 1.70 17.72 -19.79
N LYS A 227 0.86 17.90 -18.79
CA LYS A 227 1.32 18.29 -17.46
C LYS A 227 1.42 17.16 -16.49
N VAL A 228 0.77 16.03 -16.78
CA VAL A 228 0.81 14.89 -15.88
C VAL A 228 1.65 13.80 -16.48
N ILE A 229 1.21 13.19 -17.58
CA ILE A 229 1.97 12.10 -18.15
C ILE A 229 3.37 12.48 -18.54
N LYS A 230 3.54 13.57 -19.30
CA LYS A 230 4.89 13.94 -19.72
C LYS A 230 5.77 14.36 -18.59
N ALA A 231 5.21 14.79 -17.47
CA ALA A 231 5.99 15.17 -16.31
C ALA A 231 6.42 13.95 -15.50
N VAL A 232 5.86 12.76 -15.77
CA VAL A 232 6.12 11.56 -14.99
C VAL A 232 6.82 10.46 -15.77
N VAL A 233 6.33 10.17 -16.95
CA VAL A 233 6.79 9.01 -17.71
C VAL A 233 7.90 9.44 -18.64
N PRO A 234 9.09 8.82 -18.56
CA PRO A 234 10.18 9.19 -19.49
C PRO A 234 9.74 9.07 -20.95
N ALA A 235 10.12 10.05 -21.77
CA ALA A 235 9.75 10.11 -23.17
C ALA A 235 10.18 8.86 -23.91
N LYS A 236 11.30 8.25 -23.49
CA LYS A 236 11.80 7.04 -24.14
C LYS A 236 10.78 5.87 -24.12
N TYR A 237 9.82 5.90 -23.19
CA TYR A 237 8.81 4.85 -23.10
C TYR A 237 7.56 5.15 -23.88
N LEU A 238 7.40 6.40 -24.38
CA LEU A 238 6.18 6.82 -25.06
C LEU A 238 6.46 6.96 -26.52
N ASP A 239 5.56 6.51 -27.36
CA ASP A 239 5.77 6.64 -28.80
C ASP A 239 4.44 6.84 -29.50
N GLU A 240 4.46 6.86 -30.84
CA GLU A 240 3.26 7.13 -31.62
C GLU A 240 2.17 6.09 -31.43
N ASP A 241 2.54 4.90 -30.98
CA ASP A 241 1.58 3.82 -30.76
C ASP A 241 0.99 3.77 -29.36
N THR A 242 1.57 4.51 -28.38
CA THR A 242 1.03 4.47 -27.02
C THR A 242 -0.42 4.91 -27.04
N ILE A 243 -1.27 4.18 -26.31
CA ILE A 243 -2.70 4.45 -26.23
C ILE A 243 -2.98 5.18 -24.96
N TYR A 244 -3.75 6.28 -25.08
CA TYR A 244 -4.12 7.09 -23.93
C TYR A 244 -5.62 7.08 -23.73
N HIS A 245 -6.07 6.69 -22.56
CA HIS A 245 -7.47 6.75 -22.15
C HIS A 245 -7.54 7.76 -21.03
N LEU A 246 -7.81 9.02 -21.38
CA LEU A 246 -7.78 10.15 -20.43
C LEU A 246 -9.19 10.62 -20.22
N GLN A 247 -9.65 10.60 -18.97
CA GLN A 247 -11.05 10.86 -18.63
C GLN A 247 -11.96 10.01 -19.56
N PRO A 248 -11.72 8.67 -19.64
CA PRO A 248 -12.48 7.85 -20.60
C PRO A 248 -13.97 7.77 -20.29
N SER A 249 -14.40 8.04 -19.05
CA SER A 249 -15.85 8.02 -18.78
C SER A 249 -16.53 9.28 -19.33
N GLY A 250 -15.77 10.32 -19.66
CA GLY A 250 -16.28 11.57 -20.20
C GLY A 250 -16.72 12.61 -19.18
N ARG A 251 -17.03 12.20 -17.93
CA ARG A 251 -17.51 13.12 -16.88
C ARG A 251 -17.31 12.47 -15.55
N PHE A 252 -16.69 13.19 -14.64
CA PHE A 252 -16.38 12.72 -13.30
C PHE A 252 -16.43 13.89 -12.32
N VAL A 253 -17.63 14.43 -12.15
CA VAL A 253 -17.86 15.54 -11.23
C VAL A 253 -18.20 14.98 -9.86
N ILE A 254 -19.13 14.02 -9.80
CA ILE A 254 -19.45 13.31 -8.57
C ILE A 254 -18.28 12.38 -8.29
N GLY A 255 -17.74 12.44 -7.11
CA GLY A 255 -16.60 11.59 -6.77
C GLY A 255 -16.42 11.46 -5.28
N GLY A 256 -15.30 10.89 -4.85
CA GLY A 256 -15.10 10.63 -3.43
C GLY A 256 -16.17 9.67 -2.95
N PRO A 257 -16.42 9.66 -1.63
CA PRO A 257 -17.41 8.72 -1.08
C PRO A 257 -18.80 8.86 -1.66
N GLN A 258 -19.14 10.08 -2.14
CA GLN A 258 -20.44 10.27 -2.77
C GLN A 258 -20.60 9.41 -4.03
N GLY A 259 -19.53 9.25 -4.79
CA GLY A 259 -19.60 8.44 -6.00
C GLY A 259 -19.49 6.94 -5.79
N ASP A 260 -18.85 6.50 -4.70
CA ASP A 260 -18.60 5.09 -4.49
C ASP A 260 -18.23 4.89 -3.05
N ALA A 261 -18.92 3.99 -2.36
CA ALA A 261 -18.58 3.71 -0.96
C ALA A 261 -17.16 3.17 -0.84
N GLY A 262 -16.42 3.62 0.13
CA GLY A 262 -15.07 3.14 0.38
C GLY A 262 -15.00 2.34 1.66
N LEU A 263 -14.07 1.39 1.71
CA LEU A 263 -13.83 0.56 2.90
C LEU A 263 -12.35 0.40 3.08
N THR A 264 -11.87 0.25 4.31
CA THR A 264 -10.46 -0.09 4.56
C THR A 264 -10.14 -1.48 3.95
N GLY A 265 -8.94 -1.60 3.40
CA GLY A 265 -8.46 -2.90 2.95
C GLY A 265 -9.05 -3.40 1.66
N ARG A 266 -9.46 -2.48 0.79
CA ARG A 266 -10.04 -2.77 -0.51
C ARG A 266 -9.13 -2.34 -1.66
N LYS A 267 -7.86 -2.03 -1.35
CA LYS A 267 -6.85 -1.65 -2.34
C LYS A 267 -5.57 -2.42 -2.04
N ILE A 268 -5.67 -3.71 -1.74
CA ILE A 268 -4.52 -4.44 -1.25
C ILE A 268 -3.45 -4.68 -2.30
N ILE A 269 -3.86 -4.69 -3.57
CA ILE A 269 -2.93 -4.90 -4.68
C ILE A 269 -2.25 -3.56 -5.03
N VAL A 270 -2.97 -2.44 -4.96
CA VAL A 270 -2.37 -1.10 -5.08
C VAL A 270 -1.38 -0.89 -3.92
N ASP A 271 -1.67 -1.47 -2.73
CA ASP A 271 -0.77 -1.29 -1.60
C ASP A 271 0.50 -2.07 -1.73
N THR A 272 0.52 -3.09 -2.60
CA THR A 272 1.62 -4.04 -2.69
C THR A 272 2.27 -4.01 -4.07
N TYR A 273 2.01 -4.97 -4.92
CA TYR A 273 2.81 -5.16 -6.13
C TYR A 273 2.08 -5.06 -7.47
N GLY A 274 0.84 -4.55 -7.48
CA GLY A 274 0.17 -4.28 -8.74
C GLY A 274 -0.09 -5.46 -9.65
N GLY A 275 -0.27 -6.64 -9.07
CA GLY A 275 -0.55 -7.85 -9.82
C GLY A 275 0.66 -8.74 -9.93
N TRP A 276 1.87 -8.15 -9.75
CA TRP A 276 3.09 -8.96 -9.74
C TRP A 276 3.15 -9.71 -8.41
N GLY A 277 3.95 -10.74 -8.37
CA GLY A 277 4.05 -11.50 -7.12
C GLY A 277 2.77 -12.18 -6.77
N ALA A 278 2.34 -12.11 -5.52
CA ALA A 278 1.13 -12.77 -5.02
C ALA A 278 0.68 -12.04 -3.78
N HIS A 279 -0.51 -12.38 -3.29
CA HIS A 279 -1.04 -11.76 -2.09
C HIS A 279 -1.72 -12.83 -1.25
N GLY A 280 -1.59 -12.68 0.06
CA GLY A 280 -2.25 -13.60 0.99
C GLY A 280 -3.64 -13.17 1.43
N GLY A 281 -4.07 -11.95 1.06
CA GLY A 281 -5.43 -11.50 1.31
C GLY A 281 -5.62 -10.46 2.40
N GLY A 282 -4.67 -10.38 3.31
CA GLY A 282 -4.78 -9.49 4.46
C GLY A 282 -4.57 -8.03 4.12
N ALA A 283 -5.35 -7.17 4.71
CA ALA A 283 -5.21 -5.70 4.58
C ALA A 283 -4.15 -5.21 5.56
N PHE A 284 -3.54 -4.08 5.28
CA PHE A 284 -2.53 -3.52 6.15
C PHE A 284 -3.09 -2.47 7.11
N SER A 285 -3.90 -1.51 6.62
CA SER A 285 -4.21 -0.32 7.42
C SER A 285 -5.07 -0.59 8.62
N GLY A 286 -4.83 0.18 9.67
CA GLY A 286 -5.62 0.11 10.90
C GLY A 286 -5.22 -0.97 11.86
N LYS A 287 -4.04 -1.61 11.65
CA LYS A 287 -3.60 -2.78 12.43
C LYS A 287 -2.25 -2.56 13.05
N ASP A 288 -2.13 -2.89 14.35
CA ASP A 288 -0.85 -2.86 15.04
C ASP A 288 0.02 -4.09 14.66
N TYR A 289 1.27 -4.10 15.16
CA TYR A 289 2.24 -5.12 14.72
C TYR A 289 1.87 -6.54 15.00
N THR A 290 1.03 -6.80 16.00
CA THR A 290 0.69 -8.19 16.28
C THR A 290 -0.17 -8.81 15.19
N LYS A 291 -0.77 -7.97 14.31
CA LYS A 291 -1.53 -8.47 13.18
C LYS A 291 -0.53 -8.74 12.06
N VAL A 292 -0.14 -10.00 11.93
CA VAL A 292 0.85 -10.43 10.95
C VAL A 292 0.47 -10.13 9.51
N ASP A 293 -0.81 -9.88 9.21
CA ASP A 293 -1.18 -9.44 7.86
C ASP A 293 -0.32 -8.27 7.41
N ARG A 294 -0.01 -7.37 8.34
CA ARG A 294 0.84 -6.24 8.03
C ARG A 294 2.31 -6.55 8.33
N SER A 295 2.64 -6.82 9.59
CA SER A 295 4.02 -6.97 9.98
C SER A 295 4.78 -8.04 9.20
N ALA A 296 4.14 -9.19 8.93
CA ALA A 296 4.85 -10.24 8.22
C ALA A 296 4.95 -9.94 6.74
N ALA A 297 3.98 -9.20 6.16
CA ALA A 297 4.10 -8.79 4.76
C ALA A 297 5.24 -7.78 4.65
N TYR A 298 5.40 -6.88 5.63
CA TYR A 298 6.52 -5.94 5.60
C TYR A 298 7.83 -6.72 5.71
N ALA A 299 7.88 -7.69 6.64
CA ALA A 299 9.11 -8.48 6.80
C ALA A 299 9.38 -9.31 5.54
N ALA A 300 8.34 -9.83 4.88
CA ALA A 300 8.55 -10.61 3.65
C ALA A 300 9.08 -9.72 2.52
N ARG A 301 8.61 -8.47 2.43
CA ARG A 301 9.17 -7.50 1.47
C ARG A 301 10.65 -7.31 1.82
N TRP A 302 10.97 -7.12 3.09
CA TRP A 302 12.33 -6.90 3.56
C TRP A 302 13.22 -8.07 3.13
N VAL A 303 12.73 -9.31 3.29
CA VAL A 303 13.50 -10.49 2.88
C VAL A 303 13.73 -10.45 1.37
N ALA A 304 12.65 -10.26 0.58
CA ALA A 304 12.74 -10.28 -0.88
C ALA A 304 13.70 -9.20 -1.38
N LYS A 305 13.57 -8.00 -0.84
CA LYS A 305 14.46 -6.92 -1.27
C LYS A 305 15.91 -7.21 -0.86
N SER A 306 16.11 -7.83 0.29
CA SER A 306 17.47 -8.19 0.73
C SER A 306 18.09 -9.23 -0.19
N LEU A 307 17.30 -10.19 -0.68
CA LEU A 307 17.81 -11.19 -1.63
C LEU A 307 18.19 -10.54 -2.94
N VAL A 308 17.38 -9.61 -3.45
CA VAL A 308 17.67 -8.96 -4.73
C VAL A 308 18.85 -7.99 -4.61
N LYS A 309 18.85 -7.12 -3.60
CA LYS A 309 19.95 -6.18 -3.41
C LYS A 309 21.24 -6.88 -3.02
N GLY A 310 21.13 -8.07 -2.45
CA GLY A 310 22.27 -8.91 -2.10
C GLY A 310 22.85 -9.67 -3.30
N GLY A 311 22.23 -9.51 -4.47
CA GLY A 311 22.70 -10.12 -5.71
C GLY A 311 22.42 -11.60 -5.86
N LEU A 312 21.54 -12.16 -5.02
CA LEU A 312 21.20 -13.58 -5.06
C LEU A 312 20.18 -13.91 -6.11
N CYS A 313 19.34 -12.97 -6.50
CA CYS A 313 18.41 -13.21 -7.57
CA CYS A 313 18.16 -13.13 -7.43
C CYS A 313 18.02 -11.86 -8.16
N ARG A 314 17.40 -11.92 -9.34
CA ARG A 314 16.96 -10.69 -9.99
C ARG A 314 15.54 -10.34 -9.58
N ARG A 315 14.71 -11.37 -9.31
CA ARG A 315 13.38 -11.13 -8.76
C ARG A 315 12.98 -12.34 -7.95
N VAL A 316 12.15 -12.12 -6.93
CA VAL A 316 11.83 -13.21 -6.01
C VAL A 316 10.55 -12.90 -5.29
N LEU A 317 9.83 -14.00 -5.00
CA LEU A 317 8.60 -14.02 -4.23
C LEU A 317 8.86 -14.87 -3.00
N VAL A 318 8.40 -14.40 -1.83
CA VAL A 318 8.54 -15.08 -0.55
C VAL A 318 7.17 -15.25 0.06
N GLN A 319 6.81 -16.47 0.47
CA GLN A 319 5.61 -16.71 1.25
C GLN A 319 5.99 -17.02 2.70
N VAL A 320 5.18 -16.56 3.65
CA VAL A 320 5.30 -16.94 5.06
C VAL A 320 3.86 -17.18 5.54
N SER A 321 3.68 -18.01 6.56
CA SER A 321 2.33 -18.23 7.11
C SER A 321 2.42 -18.44 8.62
N TYR A 322 1.26 -18.26 9.30
CA TYR A 322 1.17 -18.30 10.75
C TYR A 322 -0.10 -18.96 11.20
N ALA A 323 -0.11 -19.38 12.48
CA ALA A 323 -1.33 -19.79 13.19
C ALA A 323 -1.54 -18.78 14.32
N ILE A 324 -2.81 -18.45 14.61
CA ILE A 324 -3.08 -17.55 15.73
C ILE A 324 -2.49 -18.15 17.02
N GLY A 325 -1.81 -17.29 17.79
CA GLY A 325 -1.26 -17.71 19.07
C GLY A 325 0.07 -18.40 19.01
N VAL A 326 0.61 -18.64 17.82
CA VAL A 326 1.88 -19.33 17.64
C VAL A 326 2.88 -18.32 17.12
N SER A 327 4.06 -18.27 17.73
CA SER A 327 5.03 -17.25 17.32
CA SER A 327 5.09 -17.29 17.38
C SER A 327 5.79 -17.56 16.05
N HIS A 328 6.39 -18.76 15.94
CA HIS A 328 7.16 -19.07 14.76
C HIS A 328 6.25 -19.28 13.54
N PRO A 329 6.66 -18.84 12.35
CA PRO A 329 5.88 -19.12 11.14
C PRO A 329 5.71 -20.63 10.95
N LEU A 330 4.61 -21.01 10.34
CA LEU A 330 4.33 -22.42 10.04
C LEU A 330 5.06 -22.84 8.79
N SER A 331 5.31 -21.92 7.85
CA SER A 331 5.95 -22.24 6.58
C SER A 331 6.61 -20.99 6.07
N ILE A 332 7.67 -21.20 5.30
CA ILE A 332 8.36 -20.16 4.53
C ILE A 332 8.70 -20.80 3.19
N SER A 333 8.50 -20.04 2.11
CA SER A 333 8.72 -20.58 0.76
C SER A 333 9.27 -19.52 -0.15
N ILE A 334 10.04 -19.92 -1.17
CA ILE A 334 10.71 -18.98 -2.07
C ILE A 334 10.48 -19.37 -3.52
N PHE A 335 10.22 -18.40 -4.38
CA PHE A 335 10.07 -18.63 -5.81
C PHE A 335 10.91 -17.56 -6.50
N HIS A 336 11.98 -17.97 -7.22
CA HIS A 336 12.89 -17.00 -7.82
C HIS A 336 12.70 -16.82 -9.32
N TYR A 337 11.66 -17.42 -9.91
CA TYR A 337 11.31 -17.22 -11.32
C TYR A 337 12.45 -17.64 -12.26
N GLY A 338 13.39 -18.43 -11.78
CA GLY A 338 14.54 -18.86 -12.59
C GLY A 338 15.68 -17.84 -12.60
N THR A 339 15.64 -16.81 -11.73
CA THR A 339 16.62 -15.71 -11.74
C THR A 339 17.80 -15.82 -10.77
N SER A 340 18.08 -17.03 -10.29
CA SER A 340 19.22 -17.27 -9.43
C SER A 340 19.94 -18.50 -9.93
N GLN A 341 21.26 -18.57 -9.72
CA GLN A 341 22.01 -19.79 -9.96
C GLN A 341 21.74 -20.75 -8.77
N LYS A 342 21.37 -20.19 -7.58
CA LYS A 342 21.06 -21.00 -6.42
C LYS A 342 19.65 -21.55 -6.52
N SER A 343 19.46 -22.74 -6.02
CA SER A 343 18.11 -23.32 -6.00
C SER A 343 17.24 -22.58 -4.99
N GLU A 344 15.92 -22.73 -5.11
CA GLU A 344 15.01 -22.14 -4.13
C GLU A 344 15.26 -22.77 -2.76
N ARG A 345 15.64 -24.07 -2.70
CA ARG A 345 15.98 -24.70 -1.43
C ARG A 345 17.18 -23.98 -0.76
N GLU A 346 18.24 -23.66 -1.54
CA GLU A 346 19.42 -22.94 -1.02
CA GLU A 346 19.39 -22.96 -0.97
C GLU A 346 19.02 -21.53 -0.56
N LEU A 347 18.20 -20.83 -1.35
CA LEU A 347 17.78 -19.48 -0.93
C LEU A 347 16.96 -19.56 0.35
N LEU A 348 16.09 -20.57 0.49
CA LEU A 348 15.30 -20.70 1.71
C LEU A 348 16.23 -20.93 2.92
N GLU A 349 17.27 -21.74 2.76
CA GLU A 349 18.23 -21.91 3.84
C GLU A 349 18.92 -20.61 4.23
N ILE A 350 19.29 -19.78 3.24
CA ILE A 350 19.90 -18.48 3.53
C ILE A 350 18.87 -17.61 4.28
N VAL A 351 17.61 -17.61 3.84
CA VAL A 351 16.61 -16.82 4.55
C VAL A 351 16.49 -17.26 6.01
N LYS A 352 16.43 -18.59 6.27
CA LYS A 352 16.25 -19.09 7.63
C LYS A 352 17.47 -18.81 8.50
N LYS A 353 18.66 -18.69 7.91
CA LYS A 353 19.85 -18.37 8.68
C LYS A 353 19.94 -16.87 9.01
N ASN A 354 19.27 -16.01 8.23
CA ASN A 354 19.39 -14.57 8.37
C ASN A 354 18.22 -13.83 8.96
N PHE A 355 17.05 -14.45 8.98
CA PHE A 355 15.83 -13.78 9.42
C PHE A 355 15.11 -14.58 10.45
N ASP A 356 14.43 -13.89 11.35
CA ASP A 356 13.58 -14.51 12.37
C ASP A 356 12.24 -13.79 12.25
N LEU A 357 11.25 -14.50 11.68
CA LEU A 357 9.99 -13.90 11.33
C LEU A 357 8.92 -14.09 12.41
N ARG A 358 9.33 -14.28 13.66
CA ARG A 358 8.36 -14.22 14.75
C ARG A 358 7.89 -12.76 14.85
N PRO A 359 6.60 -12.50 15.09
CA PRO A 359 6.15 -11.11 15.16
C PRO A 359 6.84 -10.29 16.23
N GLY A 360 7.19 -10.93 17.34
CA GLY A 360 7.87 -10.23 18.43
C GLY A 360 9.33 -9.94 18.14
N VAL A 361 9.87 -10.46 17.05
CA VAL A 361 11.22 -10.09 16.60
C VAL A 361 11.06 -9.06 15.46
N ILE A 362 10.15 -9.29 14.54
CA ILE A 362 9.88 -8.32 13.45
C ILE A 362 9.63 -6.92 14.04
N VAL A 363 8.86 -6.82 15.12
CA VAL A 363 8.55 -5.51 15.70
C VAL A 363 9.82 -4.74 16.06
N ARG A 364 10.82 -5.44 16.58
CA ARG A 364 12.08 -4.84 16.94
C ARG A 364 12.89 -4.49 15.70
N ASP A 365 13.01 -5.43 14.75
CA ASP A 365 13.79 -5.18 13.54
C ASP A 365 13.25 -4.05 12.71
N LEU A 366 11.93 -3.95 12.62
CA LEU A 366 11.31 -2.97 11.74
C LEU A 366 10.71 -1.77 12.48
N ASP A 367 10.93 -1.69 13.79
CA ASP A 367 10.49 -0.56 14.64
C ASP A 367 8.99 -0.30 14.50
N LEU A 368 8.18 -1.36 14.62
CA LEU A 368 6.77 -1.29 14.25
C LEU A 368 5.83 -0.70 15.30
N LYS A 369 6.38 -0.19 16.40
CA LYS A 369 5.54 0.56 17.33
C LYS A 369 5.59 2.04 16.97
N LYS A 370 6.42 2.45 16.00
CA LYS A 370 6.53 3.88 15.64
C LYS A 370 5.29 4.32 14.84
N PRO A 371 4.77 5.51 15.17
CA PRO A 371 3.53 6.00 14.52
C PRO A 371 3.80 6.61 13.16
N ILE A 372 4.25 5.77 12.18
CA ILE A 372 4.51 6.27 10.83
C ILE A 372 3.53 5.69 9.84
N TYR A 373 2.47 5.07 10.32
CA TYR A 373 1.62 4.29 9.44
C TYR A 373 0.79 5.11 8.47
N GLN A 374 0.32 6.30 8.86
CA GLN A 374 -0.47 7.08 7.91
C GLN A 374 0.35 7.40 6.65
N ARG A 375 1.67 7.53 6.78
CA ARG A 375 2.54 7.75 5.62
C ARG A 375 2.54 6.58 4.64
N THR A 376 2.25 5.36 5.10
CA THR A 376 2.24 4.18 4.22
C THR A 376 0.95 4.01 3.44
N ALA A 377 -0.14 4.70 3.86
CA ALA A 377 -1.49 4.40 3.44
C ALA A 377 -1.95 4.95 2.08
N ALA A 378 -1.07 5.66 1.36
CA ALA A 378 -1.30 6.04 -0.03
C ALA A 378 0.01 5.87 -0.79
N TYR A 379 -0.09 5.56 -2.07
CA TYR A 379 1.05 5.44 -3.00
C TYR A 379 1.89 4.19 -2.76
N GLY A 380 1.32 3.21 -2.08
CA GLY A 380 1.99 1.93 -1.87
C GLY A 380 2.80 1.91 -0.60
N HIS A 381 2.90 0.72 0.00
CA HIS A 381 3.66 0.56 1.25
C HIS A 381 5.14 0.33 1.04
N PHE A 382 5.49 0.01 -0.20
CA PHE A 382 6.82 -0.44 -0.58
C PHE A 382 7.46 0.46 -1.62
N GLY A 383 8.78 0.41 -1.69
CA GLY A 383 9.56 1.12 -2.68
C GLY A 383 9.67 2.60 -2.50
N ARG A 384 9.37 3.07 -1.28
CA ARG A 384 9.39 4.51 -0.96
C ARG A 384 9.98 4.78 0.42
N ASP A 385 10.61 5.96 0.56
CA ASP A 385 11.01 6.61 1.82
C ASP A 385 12.01 5.92 2.75
N SER A 386 12.62 4.84 2.31
CA SER A 386 13.59 4.13 3.13
C SER A 386 13.06 3.77 4.52
N PHE A 387 11.80 3.27 4.57
CA PHE A 387 11.21 2.69 5.79
C PHE A 387 12.09 1.50 6.15
N PRO A 388 12.03 0.96 7.39
CA PRO A 388 12.97 -0.09 7.75
C PRO A 388 12.91 -1.33 6.85
N TRP A 389 11.71 -1.67 6.34
CA TRP A 389 11.57 -2.85 5.48
C TRP A 389 12.14 -2.63 4.08
N GLU A 390 12.54 -1.39 3.78
CA GLU A 390 13.13 -1.04 2.50
C GLU A 390 14.66 -0.97 2.58
N VAL A 391 15.25 -1.12 3.77
CA VAL A 391 16.69 -1.05 3.95
C VAL A 391 17.17 -2.49 3.95
N PRO A 392 17.91 -2.97 2.93
CA PRO A 392 18.23 -4.40 2.90
C PRO A 392 19.07 -4.84 4.08
N LYS A 393 18.90 -6.08 4.50
CA LYS A 393 19.75 -6.71 5.50
C LYS A 393 20.94 -7.31 4.76
N LYS A 394 22.17 -7.11 5.29
CA LYS A 394 23.39 -7.71 4.74
C LYS A 394 23.35 -9.19 5.12
N LEU A 395 23.37 -10.06 4.12
CA LEU A 395 23.22 -11.48 4.32
C LEU A 395 24.52 -12.23 4.53
N LYS A 396 24.50 -13.19 5.44
CA LYS A 396 25.63 -14.05 5.78
C LYS A 396 25.31 -15.46 5.36
N TYR A 397 26.18 -16.08 4.52
CA TYR A 397 26.05 -17.45 3.99
C TYR A 397 27.36 -17.96 3.42
#